data_6S31
#
_entry.id   6S31
#
_cell.length_a   57.048
_cell.length_b   76.293
_cell.length_c   88.120
_cell.angle_alpha   90.00
_cell.angle_beta   90.00
_cell.angle_gamma   90.00
#
_symmetry.space_group_name_H-M   'P 2 21 21'
#
loop_
_entity.id
_entity.type
_entity.pdbx_description
1 polymer 'NADPH2 dehydrogenase-like protein'
2 non-polymer P-HYDROXYBENZALDEHYDE
3 non-polymer 'FLAVIN MONONUCLEOTIDE'
4 water water
#
_entity_poly.entity_id   1
_entity_poly.type   'polypeptide(L)'
_entity_poly.pdbx_seq_one_letter_code
;MGSSHHHHHHSSGLVPRGSHMLKLLEPFDLNGLELANRMVMAPLTRNRAGPRFVPTKMNALYYAQRSGLGLIITEATQIS
QQGMGYPDTPGIYTDEQVDGWRMVTEAVHRREGCIFLQLWHVGRVSHSSFQPNGQLPVAPSAIAPEGEVMTYDGIKPFET
PRALETEEVAHIVEDYRKAAINAKRAGFDGIEIHSANGYLLHEFLEDGTNKRTDRYGGSIENRARIVFEVLDAVCKVYPS
RRVGIRLSPDTEFMSMSDSDRPALYSYLVQELSRRELAYLHLIEPRIKGNVDVEKESSLNVEFFRPLYKGVLITAGGYQK
ETGEERLQKQHADLVAYGRWVIANPDLPSRFEQNAPLNPYDRATFYGGNEKGYTDYPFLDPRDSQEALKEAEAAERKWRR
;
_entity_poly.pdbx_strand_id   A
#
loop_
_chem_comp.id
_chem_comp.type
_chem_comp.name
_chem_comp.formula
FMN non-polymer 'FLAVIN MONONUCLEOTIDE' 'C17 H21 N4 O9 P'
HBA non-polymer P-HYDROXYBENZALDEHYDE 'C7 H6 O2'
#
# COMPACT_ATOMS: atom_id res chain seq x y z
N MET A 21 6.04 -27.30 7.93
CA MET A 21 5.80 -27.91 6.61
C MET A 21 5.70 -26.84 5.52
N LEU A 22 4.97 -25.76 5.82
CA LEU A 22 4.71 -24.72 4.84
C LEU A 22 5.85 -23.72 4.79
N LYS A 23 6.38 -23.49 3.58
CA LYS A 23 7.34 -22.41 3.42
C LYS A 23 6.72 -21.06 3.77
N LEU A 24 5.39 -20.93 3.64
CA LEU A 24 4.72 -19.70 4.05
C LEU A 24 5.01 -19.36 5.51
N LEU A 25 5.30 -20.37 6.34
CA LEU A 25 5.50 -20.16 7.76
C LEU A 25 6.97 -20.13 8.14
N GLU A 26 7.86 -20.21 7.16
CA GLU A 26 9.30 -20.12 7.43
C GLU A 26 9.66 -18.68 7.77
N PRO A 27 10.42 -18.43 8.84
CA PRO A 27 10.93 -17.08 9.09
C PRO A 27 11.77 -16.56 7.93
N PHE A 28 11.83 -15.24 7.80
CA PHE A 28 12.47 -14.62 6.65
C PHE A 28 13.31 -13.43 7.09
N ASP A 29 14.54 -13.33 6.58
CA ASP A 29 15.46 -12.24 6.91
C ASP A 29 15.31 -11.12 5.86
N LEU A 30 14.63 -10.05 6.23
CA LEU A 30 14.47 -8.88 5.35
C LEU A 30 15.59 -7.89 5.69
N ASN A 31 16.81 -8.24 5.28
CA ASN A 31 18.02 -7.44 5.53
C ASN A 31 18.07 -6.90 6.97
N GLY A 32 17.87 -7.81 7.93
CA GLY A 32 18.00 -7.46 9.33
C GLY A 32 16.69 -7.32 10.08
N LEU A 33 15.57 -7.19 9.38
CA LEU A 33 14.26 -7.38 9.98
C LEU A 33 13.93 -8.87 9.88
N GLU A 34 13.91 -9.56 11.00
CA GLU A 34 13.61 -10.99 10.95
C GLU A 34 12.10 -11.15 11.06
N LEU A 35 11.48 -11.42 9.93
CA LEU A 35 10.03 -11.60 9.85
C LEU A 35 9.67 -12.98 10.36
N ALA A 36 8.55 -13.06 11.08
CA ALA A 36 8.16 -14.32 11.71
C ALA A 36 7.81 -15.39 10.70
N ASN A 37 7.44 -15.00 9.48
CA ASN A 37 7.02 -15.92 8.43
C ASN A 37 7.12 -15.16 7.12
N ARG A 38 6.73 -15.84 6.03
CA ARG A 38 6.83 -15.25 4.71
C ARG A 38 5.51 -14.69 4.21
N MET A 39 4.58 -14.42 5.12
CA MET A 39 3.27 -13.90 4.78
C MET A 39 3.23 -12.41 5.10
N VAL A 40 2.59 -11.64 4.23
CA VAL A 40 2.53 -10.19 4.36
C VAL A 40 1.07 -9.78 4.42
N MET A 41 0.75 -8.87 5.34
CA MET A 41 -0.55 -8.20 5.29
C MET A 41 -0.52 -7.15 4.20
N ALA A 42 -1.30 -7.34 3.13
CA ALA A 42 -1.31 -6.39 2.03
C ALA A 42 -1.87 -5.05 2.50
N PRO A 43 -1.47 -3.94 1.85
CA PRO A 43 -2.05 -2.63 2.18
C PRO A 43 -3.54 -2.60 1.87
N LEU A 44 -4.35 -2.13 2.82
CA LEU A 44 -5.80 -2.19 2.70
C LEU A 44 -6.45 -0.93 3.26
N THR A 45 -6.93 -0.07 2.36
CA THR A 45 -7.76 1.06 2.74
C THR A 45 -9.04 0.61 3.45
N ARG A 46 -9.25 1.11 4.65
CA ARG A 46 -10.45 0.78 5.42
C ARG A 46 -11.30 2.00 5.78
N ASN A 47 -10.81 3.21 5.55
CA ASN A 47 -11.57 4.45 5.76
C ASN A 47 -12.10 4.57 7.18
N ARG A 48 -11.24 4.34 8.16
CA ARG A 48 -11.65 4.40 9.57
C ARG A 48 -10.71 5.33 10.37
N ALA A 49 -10.18 6.36 9.71
CA ALA A 49 -9.40 7.36 10.43
C ALA A 49 -10.31 8.25 11.29
N GLY A 50 -9.70 8.85 12.32
CA GLY A 50 -10.41 9.77 13.20
C GLY A 50 -10.40 11.18 12.65
N PRO A 51 -10.91 12.14 13.41
CA PRO A 51 -10.93 13.53 12.95
C PRO A 51 -9.56 14.00 12.47
N ARG A 52 -9.57 14.78 11.40
CA ARG A 52 -8.35 15.34 10.81
C ARG A 52 -7.41 14.24 10.33
N PHE A 53 -7.99 13.09 9.97
CA PHE A 53 -7.27 11.97 9.35
C PHE A 53 -6.22 11.36 10.28
N VAL A 54 -6.53 11.34 11.57
CA VAL A 54 -5.61 10.87 12.61
C VAL A 54 -5.95 9.42 12.99
N PRO A 55 -4.98 8.51 13.00
CA PRO A 55 -5.28 7.14 13.45
C PRO A 55 -5.75 7.10 14.90
N THR A 56 -6.55 6.09 15.21
CA THR A 56 -7.27 5.95 16.46
C THR A 56 -6.83 4.71 17.23
N LYS A 57 -7.30 4.61 18.48
CA LYS A 57 -7.02 3.41 19.25
C LYS A 57 -7.64 2.17 18.59
N MET A 58 -8.76 2.34 17.89
CA MET A 58 -9.36 1.21 17.18
C MET A 58 -8.46 0.76 16.02
N ASN A 59 -7.83 1.72 15.32
CA ASN A 59 -6.86 1.36 14.28
C ASN A 59 -5.67 0.62 14.90
N ALA A 60 -5.19 1.08 16.05
CA ALA A 60 -4.11 0.39 16.72
C ALA A 60 -4.49 -1.05 17.06
N LEU A 61 -5.71 -1.27 17.53
CA LEU A 61 -6.16 -2.63 17.83
C LEU A 61 -6.16 -3.49 16.58
N TYR A 62 -6.67 -2.93 15.48
CA TYR A 62 -6.75 -3.64 14.21
C TYR A 62 -5.39 -4.15 13.78
N TYR A 63 -4.37 -3.29 13.82
CA TYR A 63 -3.05 -3.72 13.38
C TYR A 63 -2.39 -4.63 14.43
N ALA A 64 -2.58 -4.34 15.72
CA ALA A 64 -2.07 -5.24 16.75
C ALA A 64 -2.63 -6.64 16.57
N GLN A 65 -3.91 -6.74 16.22
CA GLN A 65 -4.52 -8.05 16.03
C GLN A 65 -3.78 -8.84 14.96
N ARG A 66 -3.26 -8.14 13.96
CA ARG A 66 -2.70 -8.75 12.76
C ARG A 66 -1.17 -8.80 12.80
N SER A 67 -0.59 -8.59 13.99
CA SER A 67 0.86 -8.57 14.14
C SER A 67 1.51 -9.92 13.89
N GLY A 68 0.75 -11.01 13.85
CA GLY A 68 1.30 -12.32 13.54
C GLY A 68 1.71 -12.49 12.10
N LEU A 69 1.27 -11.60 11.20
CA LEU A 69 1.78 -11.61 9.84
C LEU A 69 3.25 -11.20 9.88
N GLY A 70 4.07 -11.84 9.04
CA GLY A 70 5.50 -11.53 9.07
C GLY A 70 5.79 -10.05 8.87
N LEU A 71 5.06 -9.42 7.95
CA LEU A 71 5.20 -8.00 7.70
C LEU A 71 3.82 -7.41 7.49
N ILE A 72 3.54 -6.27 8.13
CA ILE A 72 2.34 -5.49 7.85
C ILE A 72 2.70 -4.34 6.94
N ILE A 73 1.95 -4.17 5.85
CA ILE A 73 1.96 -2.92 5.11
C ILE A 73 0.66 -2.21 5.41
N THR A 74 0.73 -0.95 5.85
CA THR A 74 -0.48 -0.23 6.21
C THR A 74 -1.36 0.03 5.00
N GLU A 75 -2.62 0.36 5.30
CA GLU A 75 -3.47 1.08 4.36
C GLU A 75 -2.72 2.26 3.74
N ALA A 76 -3.06 2.55 2.49
CA ALA A 76 -2.50 3.71 1.83
C ALA A 76 -2.73 4.97 2.67
N THR A 77 -1.68 5.79 2.82
CA THR A 77 -1.72 6.92 3.74
C THR A 77 -1.27 8.17 3.00
N GLN A 78 -2.16 9.16 2.85
CA GLN A 78 -1.85 10.29 1.98
C GLN A 78 -0.75 11.18 2.58
N ILE A 79 0.15 11.62 1.68
CA ILE A 79 1.27 12.48 2.04
C ILE A 79 0.88 13.94 2.14
N SER A 80 -0.36 14.28 1.79
CA SER A 80 -0.85 15.65 1.77
C SER A 80 -2.36 15.56 1.57
N GLN A 81 -3.07 16.66 1.87
CA GLN A 81 -4.48 16.66 1.56
C GLN A 81 -4.72 16.61 0.06
N GLN A 82 -3.84 17.22 -0.72
CA GLN A 82 -3.90 17.12 -2.18
C GLN A 82 -3.88 15.66 -2.64
N GLY A 83 -3.13 14.81 -1.93
CA GLY A 83 -3.05 13.41 -2.27
C GLY A 83 -4.16 12.53 -1.76
N MET A 84 -5.22 13.08 -1.17
CA MET A 84 -6.32 12.27 -0.67
C MET A 84 -7.46 12.21 -1.69
N GLY A 85 -8.22 11.12 -1.65
CA GLY A 85 -9.32 10.97 -2.59
C GLY A 85 -10.49 10.13 -2.09
N TYR A 86 -10.44 9.68 -0.84
CA TYR A 86 -11.49 8.87 -0.24
C TYR A 86 -11.73 9.36 1.18
N PRO A 87 -12.95 9.25 1.69
CA PRO A 87 -13.24 9.71 3.05
C PRO A 87 -12.46 8.94 4.11
N ASP A 88 -12.03 9.67 5.14
CA ASP A 88 -11.53 9.06 6.38
C ASP A 88 -10.34 8.13 6.14
N THR A 89 -9.50 8.45 5.16
CA THR A 89 -8.24 7.73 5.11
C THR A 89 -7.18 8.48 5.93
N PRO A 90 -6.25 7.79 6.57
CA PRO A 90 -5.31 8.48 7.47
C PRO A 90 -4.22 9.20 6.69
N GLY A 91 -3.66 10.25 7.31
CA GLY A 91 -2.57 11.00 6.72
C GLY A 91 -1.26 10.83 7.49
N ILE A 92 -0.19 11.35 6.90
CA ILE A 92 1.11 11.33 7.58
C ILE A 92 1.78 12.70 7.44
N TYR A 93 0.99 13.74 7.20
CA TYR A 93 1.56 15.07 6.96
C TYR A 93 1.40 16.04 8.14
N THR A 94 0.76 15.63 9.24
CA THR A 94 0.67 16.50 10.42
C THR A 94 1.25 15.80 11.64
N ASP A 95 1.65 16.62 12.60
CA ASP A 95 2.18 16.11 13.86
C ASP A 95 1.13 15.30 14.62
N GLU A 96 -0.14 15.73 14.57
CA GLU A 96 -1.19 14.97 15.23
C GLU A 96 -1.34 13.59 14.61
N GLN A 97 -1.22 13.52 13.27
CA GLN A 97 -1.30 12.22 12.61
C GLN A 97 -0.12 11.34 13.00
N VAL A 98 1.08 11.92 13.04
CA VAL A 98 2.25 11.17 13.49
C VAL A 98 2.00 10.56 14.87
N ASP A 99 1.47 11.36 15.80
CA ASP A 99 1.26 10.86 17.15
C ASP A 99 0.20 9.78 17.19
N GLY A 100 -0.81 9.86 16.31
CA GLY A 100 -1.77 8.76 16.19
C GLY A 100 -1.11 7.48 15.69
N TRP A 101 -0.29 7.60 14.65
CA TRP A 101 0.42 6.42 14.14
C TRP A 101 1.39 5.84 15.16
N ARG A 102 1.97 6.66 16.04
CA ARG A 102 2.83 6.11 17.09
C ARG A 102 2.10 5.08 17.93
N MET A 103 0.81 5.31 18.19
CA MET A 103 -0.01 4.34 18.89
C MET A 103 -0.01 3.01 18.14
N VAL A 104 -0.18 3.07 16.82
CA VAL A 104 -0.26 1.86 16.02
C VAL A 104 1.07 1.14 16.02
N THR A 105 2.15 1.86 15.74
CA THR A 105 3.45 1.20 15.62
C THR A 105 3.91 0.66 16.97
N GLU A 106 3.56 1.35 18.06
CA GLU A 106 3.88 0.84 19.40
C GLU A 106 3.14 -0.46 19.69
N ALA A 107 1.84 -0.56 19.34
CA ALA A 107 1.09 -1.77 19.63
C ALA A 107 1.61 -2.94 18.80
N VAL A 108 1.80 -2.74 17.49
CA VAL A 108 2.70 -3.58 16.74
C VAL A 108 4.06 -3.27 17.38
N HIS A 109 5.03 -4.12 17.25
CA HIS A 109 6.29 -3.98 17.98
C HIS A 109 6.16 -4.56 19.38
N ARG A 110 5.20 -4.09 20.19
N ARG A 110 5.19 -4.13 20.18
CA ARG A 110 4.92 -4.76 21.47
CA ARG A 110 4.97 -4.82 21.46
C ARG A 110 4.42 -6.19 21.27
C ARG A 110 4.49 -6.23 21.24
N ARG A 111 3.82 -6.48 20.12
CA ARG A 111 3.46 -7.82 19.71
C ARG A 111 4.54 -8.45 18.84
N GLU A 112 5.72 -7.83 18.79
CA GLU A 112 6.88 -8.32 18.06
C GLU A 112 6.61 -8.41 16.56
N GLY A 113 5.79 -7.48 16.04
CA GLY A 113 5.52 -7.40 14.63
C GLY A 113 6.40 -6.38 13.94
N CYS A 114 6.19 -6.25 12.64
CA CYS A 114 7.00 -5.39 11.80
C CYS A 114 6.07 -4.69 10.84
N ILE A 115 6.26 -3.39 10.61
CA ILE A 115 5.23 -2.64 9.89
C ILE A 115 5.85 -1.52 9.04
N PHE A 116 5.43 -1.46 7.78
CA PHE A 116 5.81 -0.43 6.82
C PHE A 116 4.61 0.45 6.51
N LEU A 117 4.82 1.75 6.41
CA LEU A 117 3.74 2.68 6.05
C LEU A 117 3.71 2.87 4.54
N GLN A 118 2.53 2.68 3.93
CA GLN A 118 2.39 2.87 2.49
C GLN A 118 2.07 4.34 2.19
N LEU A 119 2.97 5.01 1.47
CA LEU A 119 2.85 6.43 1.15
C LEU A 119 2.03 6.65 -0.12
N TRP A 120 1.02 7.51 -0.03
CA TRP A 120 -0.03 7.64 -1.06
C TRP A 120 -0.16 9.05 -1.60
N HIS A 121 -0.36 9.13 -2.91
CA HIS A 121 -0.92 10.33 -3.52
C HIS A 121 -1.87 9.85 -4.61
N VAL A 122 -3.17 10.18 -4.48
CA VAL A 122 -4.19 9.58 -5.35
C VAL A 122 -4.19 10.18 -6.75
N GLY A 123 -3.49 11.28 -6.97
CA GLY A 123 -3.49 11.88 -8.30
C GLY A 123 -4.88 12.26 -8.73
N ARG A 124 -5.24 11.88 -9.96
CA ARG A 124 -6.55 12.27 -10.49
C ARG A 124 -7.70 11.50 -9.87
N VAL A 125 -7.42 10.47 -9.05
CA VAL A 125 -8.49 9.64 -8.46
C VAL A 125 -8.92 10.34 -7.18
N SER A 126 -9.65 11.43 -7.33
CA SER A 126 -10.08 12.24 -6.20
C SER A 126 -11.22 13.15 -6.67
N HIS A 127 -11.54 14.17 -5.88
CA HIS A 127 -12.58 15.12 -6.20
C HIS A 127 -12.26 16.44 -5.53
N SER A 128 -12.60 17.55 -6.21
CA SER A 128 -12.33 18.86 -5.66
C SER A 128 -12.88 19.06 -4.25
N SER A 129 -13.93 18.33 -3.86
CA SER A 129 -14.47 18.45 -2.51
C SER A 129 -13.52 17.96 -1.44
N PHE A 130 -12.54 17.11 -1.80
CA PHE A 130 -11.49 16.69 -0.88
C PHE A 130 -10.31 17.64 -0.85
N GLN A 131 -10.21 18.54 -1.82
CA GLN A 131 -8.97 19.25 -2.08
C GLN A 131 -8.95 20.58 -1.34
N PRO A 132 -7.76 21.07 -1.00
CA PRO A 132 -7.65 22.41 -0.41
C PRO A 132 -8.26 23.43 -1.35
N ASN A 133 -9.08 24.31 -0.78
CA ASN A 133 -9.66 25.45 -1.50
C ASN A 133 -10.54 25.02 -2.68
N GLY A 134 -11.05 23.79 -2.65
CA GLY A 134 -11.86 23.27 -3.73
C GLY A 134 -11.11 23.18 -5.05
N GLN A 135 -9.79 23.05 -5.00
CA GLN A 135 -8.98 22.92 -6.21
C GLN A 135 -9.24 21.59 -6.90
N LEU A 136 -8.88 21.53 -8.18
CA LEU A 136 -8.97 20.26 -8.89
C LEU A 136 -7.91 19.29 -8.39
N PRO A 137 -8.19 17.99 -8.44
CA PRO A 137 -7.12 16.99 -8.30
C PRO A 137 -6.03 17.25 -9.33
N VAL A 138 -4.81 16.83 -9.02
CA VAL A 138 -3.68 17.00 -9.93
C VAL A 138 -3.27 15.66 -10.54
N ALA A 139 -2.59 15.74 -11.68
CA ALA A 139 -2.28 14.57 -12.49
C ALA A 139 -1.19 14.96 -13.48
N PRO A 140 -0.57 13.97 -14.16
CA PRO A 140 0.39 14.35 -15.21
C PRO A 140 -0.29 15.08 -16.36
N SER A 141 -1.52 14.72 -16.68
CA SER A 141 -2.23 15.29 -17.82
C SER A 141 -3.70 15.46 -17.49
N ALA A 142 -4.37 16.40 -18.19
CA ALA A 142 -5.75 16.76 -17.88
C ALA A 142 -6.70 15.78 -18.55
N ILE A 143 -6.80 14.58 -17.96
CA ILE A 143 -7.66 13.51 -18.46
C ILE A 143 -8.40 12.93 -17.27
N ALA A 144 -9.73 13.01 -17.29
CA ALA A 144 -10.51 12.48 -16.18
C ALA A 144 -10.59 10.96 -16.27
N PRO A 145 -10.52 10.26 -15.14
CA PRO A 145 -10.84 8.84 -15.16
C PRO A 145 -12.33 8.66 -15.41
N GLU A 146 -12.69 7.49 -15.90
CA GLU A 146 -14.08 7.18 -16.17
C GLU A 146 -14.88 6.98 -14.88
N GLY A 147 -16.15 7.35 -14.93
CA GLY A 147 -17.06 6.96 -13.88
C GLY A 147 -17.25 7.99 -12.79
N GLU A 148 -17.49 7.50 -11.58
CA GLU A 148 -17.92 8.33 -10.46
C GLU A 148 -17.06 8.09 -9.23
N VAL A 149 -17.10 9.07 -8.33
CA VAL A 149 -16.27 9.09 -7.14
C VAL A 149 -17.13 9.43 -5.93
N MET A 150 -16.88 8.75 -4.82
CA MET A 150 -17.62 9.01 -3.59
C MET A 150 -17.08 10.27 -2.93
N THR A 151 -17.97 11.20 -2.60
CA THR A 151 -17.60 12.44 -1.92
C THR A 151 -18.40 12.58 -0.64
N TYR A 152 -18.09 13.62 0.13
CA TYR A 152 -18.84 13.87 1.36
C TYR A 152 -20.32 14.10 1.04
N ASP A 153 -20.61 14.63 -0.14
CA ASP A 153 -21.94 15.08 -0.54
C ASP A 153 -22.56 14.13 -1.57
N GLY A 154 -22.18 12.85 -1.51
CA GLY A 154 -22.74 11.86 -2.38
C GLY A 154 -21.84 11.52 -3.57
N ILE A 155 -22.24 10.45 -4.28
CA ILE A 155 -21.54 10.07 -5.50
C ILE A 155 -21.60 11.19 -6.51
N LYS A 156 -20.47 11.47 -7.15
CA LYS A 156 -20.33 12.56 -8.10
C LYS A 156 -19.53 12.05 -9.29
N PRO A 157 -19.73 12.64 -10.47
CA PRO A 157 -18.85 12.31 -11.59
C PRO A 157 -17.44 12.82 -11.34
N PHE A 158 -16.46 12.08 -11.88
CA PHE A 158 -15.08 12.53 -11.84
C PHE A 158 -14.93 13.83 -12.63
N GLU A 159 -14.02 14.67 -12.18
CA GLU A 159 -13.66 15.91 -12.85
C GLU A 159 -12.40 15.71 -13.67
N THR A 160 -12.22 16.56 -14.68
CA THR A 160 -10.94 16.62 -15.36
C THR A 160 -9.90 17.21 -14.41
N PRO A 161 -8.79 16.52 -14.15
CA PRO A 161 -7.79 17.04 -13.21
C PRO A 161 -6.97 18.15 -13.85
N ARG A 162 -6.20 18.85 -13.01
CA ARG A 162 -5.25 19.84 -13.48
C ARG A 162 -3.92 19.17 -13.78
N ALA A 163 -3.36 19.43 -14.95
CA ALA A 163 -2.04 18.91 -15.28
C ALA A 163 -0.98 19.69 -14.51
N LEU A 164 -0.10 18.94 -13.82
CA LEU A 164 0.94 19.57 -13.02
C LEU A 164 1.94 20.33 -13.89
N GLU A 165 2.35 21.50 -13.41
CA GLU A 165 3.45 22.21 -14.04
C GLU A 165 4.75 21.48 -13.77
N THR A 166 5.70 21.59 -14.70
CA THR A 166 6.99 20.91 -14.55
C THR A 166 7.60 21.21 -13.19
N GLU A 167 7.55 22.48 -12.77
CA GLU A 167 8.17 22.94 -11.49
C GLU A 167 7.38 22.47 -10.26
N GLU A 168 6.20 21.87 -10.43
CA GLU A 168 5.41 21.42 -9.30
C GLU A 168 5.75 20.00 -8.88
N VAL A 169 6.35 19.22 -9.78
CA VAL A 169 6.66 17.82 -9.45
C VAL A 169 7.64 17.75 -8.31
N ALA A 170 8.63 18.64 -8.28
CA ALA A 170 9.59 18.63 -7.18
C ALA A 170 8.92 18.90 -5.84
N HIS A 171 7.83 19.68 -5.82
N HIS A 171 7.85 19.60 -5.76
CA HIS A 171 7.14 19.96 -4.57
CA HIS A 171 7.15 19.88 -4.51
C HIS A 171 6.43 18.70 -4.08
C HIS A 171 6.44 18.63 -4.02
N ILE A 172 5.88 17.92 -5.01
CA ILE A 172 5.23 16.67 -4.61
C ILE A 172 6.27 15.67 -4.12
N VAL A 173 7.43 15.62 -4.80
CA VAL A 173 8.52 14.78 -4.31
C VAL A 173 8.91 15.18 -2.90
N GLU A 174 9.00 16.49 -2.63
CA GLU A 174 9.31 16.95 -1.29
C GLU A 174 8.24 16.55 -0.28
N ASP A 175 6.97 16.50 -0.71
CA ASP A 175 5.93 15.98 0.17
C ASP A 175 6.18 14.53 0.53
N TYR A 176 6.67 13.72 -0.42
CA TYR A 176 7.04 12.35 -0.09
C TYR A 176 8.20 12.33 0.91
N ARG A 177 9.20 13.20 0.71
CA ARG A 177 10.32 13.23 1.66
C ARG A 177 9.83 13.57 3.06
N LYS A 178 9.01 14.62 3.19
CA LYS A 178 8.48 15.00 4.49
C LYS A 178 7.60 13.89 5.08
N ALA A 179 6.87 13.17 4.21
CA ALA A 179 6.08 12.04 4.70
C ALA A 179 6.99 10.96 5.29
N ALA A 180 8.13 10.69 4.63
CA ALA A 180 9.07 9.72 5.15
C ALA A 180 9.66 10.16 6.49
N ILE A 181 10.01 11.44 6.61
CA ILE A 181 10.46 11.96 7.91
C ILE A 181 9.43 11.71 8.98
N ASN A 182 8.16 11.98 8.68
CA ASN A 182 7.11 11.77 9.65
C ASN A 182 6.90 10.28 9.93
N ALA A 183 7.00 9.42 8.90
CA ALA A 183 6.87 7.98 9.14
C ALA A 183 7.95 7.50 10.08
N LYS A 184 9.16 8.04 9.93
CA LYS A 184 10.24 7.63 10.81
C LYS A 184 9.97 8.07 12.25
N ARG A 185 9.49 9.31 12.47
N ARG A 185 9.49 9.32 12.43
CA ARG A 185 9.18 9.72 13.83
CA ARG A 185 9.11 9.81 13.75
C ARG A 185 8.00 8.92 14.38
C ARG A 185 8.01 8.95 14.35
N ALA A 186 7.08 8.47 13.52
CA ALA A 186 5.98 7.64 13.98
C ALA A 186 6.41 6.23 14.35
N GLY A 187 7.63 5.82 14.00
CA GLY A 187 8.16 4.54 14.43
C GLY A 187 8.05 3.43 13.42
N PHE A 188 7.75 3.73 12.16
CA PHE A 188 7.63 2.67 11.17
C PHE A 188 8.99 2.07 10.86
N ASP A 189 9.00 0.74 10.72
CA ASP A 189 10.22 0.05 10.32
C ASP A 189 10.66 0.44 8.91
N GLY A 190 9.71 0.76 8.05
CA GLY A 190 10.04 1.16 6.70
C GLY A 190 8.84 1.81 6.05
N ILE A 191 8.99 2.10 4.77
CA ILE A 191 7.93 2.75 4.00
C ILE A 191 7.80 2.03 2.67
N GLU A 192 6.59 2.07 2.12
CA GLU A 192 6.30 1.52 0.80
C GLU A 192 5.76 2.63 -0.09
N ILE A 193 6.37 2.83 -1.25
CA ILE A 193 5.87 3.81 -2.20
C ILE A 193 4.75 3.17 -3.02
N HIS A 194 3.54 3.73 -2.93
CA HIS A 194 2.42 3.24 -3.73
C HIS A 194 2.58 3.78 -5.15
N SER A 195 2.98 2.92 -6.08
CA SER A 195 3.14 3.32 -7.48
C SER A 195 2.25 2.47 -8.37
N ALA A 196 1.10 2.05 -7.83
CA ALA A 196 0.18 1.12 -8.48
C ALA A 196 -1.24 1.68 -8.53
N ASN A 197 -2.14 0.91 -9.15
CA ASN A 197 -3.59 1.04 -9.03
C ASN A 197 -4.12 2.42 -9.44
N GLY A 198 -3.47 3.04 -10.43
CA GLY A 198 -4.03 4.20 -11.09
C GLY A 198 -3.87 5.51 -10.36
N TYR A 199 -3.06 5.56 -9.31
CA TYR A 199 -2.87 6.80 -8.58
C TYR A 199 -1.75 7.61 -9.22
N LEU A 200 -1.27 8.65 -8.53
CA LEU A 200 -0.43 9.67 -9.18
C LEU A 200 0.78 9.08 -9.89
N LEU A 201 1.58 8.28 -9.17
CA LEU A 201 2.82 7.78 -9.78
C LEU A 201 2.51 6.86 -10.95
N HIS A 202 1.51 5.99 -10.79
CA HIS A 202 1.11 5.10 -11.88
C HIS A 202 0.65 5.90 -13.09
N GLU A 203 -0.07 7.00 -12.84
CA GLU A 203 -0.50 7.86 -13.95
C GLU A 203 0.68 8.42 -14.74
N PHE A 204 1.77 8.77 -14.06
CA PHE A 204 2.97 9.21 -14.77
C PHE A 204 3.58 8.08 -15.57
N LEU A 205 3.56 6.86 -15.02
CA LEU A 205 4.26 5.76 -15.68
C LEU A 205 3.68 5.43 -17.05
N GLU A 206 2.35 5.50 -17.20
CA GLU A 206 1.67 4.89 -18.33
C GLU A 206 1.25 5.94 -19.35
N ASP A 207 1.46 5.63 -20.63
CA ASP A 207 1.25 6.65 -21.65
C ASP A 207 -0.22 6.85 -22.01
N GLY A 208 -1.14 6.03 -21.49
CA GLY A 208 -2.56 6.34 -21.62
C GLY A 208 -2.98 7.53 -20.80
N THR A 209 -2.30 7.77 -19.68
CA THR A 209 -2.59 8.88 -18.79
C THR A 209 -1.55 9.99 -18.82
N ASN A 210 -0.35 9.70 -19.30
CA ASN A 210 0.74 10.67 -19.32
C ASN A 210 0.95 11.13 -20.75
N LYS A 211 0.46 12.32 -21.07
CA LYS A 211 0.60 12.93 -22.38
C LYS A 211 1.62 14.08 -22.36
N ARG A 212 2.44 14.16 -21.31
CA ARG A 212 3.32 15.31 -21.14
C ARG A 212 4.42 15.35 -22.19
N THR A 213 4.90 16.56 -22.46
CA THR A 213 5.97 16.76 -23.42
C THR A 213 7.24 17.27 -22.75
N ASP A 214 7.26 17.35 -21.41
CA ASP A 214 8.46 17.77 -20.70
C ASP A 214 9.27 16.53 -20.28
N ARG A 215 10.21 16.71 -19.37
CA ARG A 215 11.10 15.61 -19.02
C ARG A 215 10.41 14.53 -18.20
N TYR A 216 9.13 14.70 -17.87
CA TYR A 216 8.36 13.68 -17.17
C TYR A 216 7.42 12.93 -18.11
N GLY A 217 7.53 13.17 -19.42
CA GLY A 217 6.67 12.51 -20.38
C GLY A 217 7.45 12.12 -21.62
N GLY A 218 6.81 11.30 -22.44
CA GLY A 218 7.40 10.83 -23.68
C GLY A 218 8.04 9.46 -23.56
N SER A 219 9.37 9.43 -23.45
CA SER A 219 10.09 8.17 -23.38
C SER A 219 9.70 7.41 -22.12
N ILE A 220 9.98 6.10 -22.14
CA ILE A 220 9.79 5.28 -20.94
C ILE A 220 10.67 5.81 -19.80
N GLU A 221 11.91 6.20 -20.12
CA GLU A 221 12.76 6.83 -19.10
C GLU A 221 12.11 8.07 -18.51
N ASN A 222 11.54 8.92 -19.34
CA ASN A 222 10.94 10.14 -18.81
C ASN A 222 9.71 9.84 -17.96
N ARG A 223 8.95 8.81 -18.33
CA ARG A 223 7.73 8.51 -17.60
C ARG A 223 8.02 7.89 -16.25
N ALA A 224 9.16 7.21 -16.12
CA ALA A 224 9.56 6.69 -14.81
C ALA A 224 10.27 7.72 -13.95
N ARG A 225 10.63 8.89 -14.51
CA ARG A 225 11.48 9.82 -13.79
C ARG A 225 10.92 10.18 -12.42
N ILE A 226 9.61 10.47 -12.35
CA ILE A 226 9.05 10.90 -11.07
C ILE A 226 9.22 9.81 -10.01
N VAL A 227 9.13 8.54 -10.40
CA VAL A 227 9.28 7.45 -9.44
C VAL A 227 10.71 7.42 -8.91
N PHE A 228 11.71 7.54 -9.81
CA PHE A 228 13.09 7.59 -9.34
C PHE A 228 13.33 8.80 -8.48
N GLU A 229 12.71 9.94 -8.79
CA GLU A 229 12.93 11.13 -7.96
C GLU A 229 12.30 10.96 -6.59
N VAL A 230 11.15 10.29 -6.50
CA VAL A 230 10.56 9.99 -5.20
C VAL A 230 11.47 9.06 -4.40
N LEU A 231 11.98 8.02 -5.06
CA LEU A 231 12.88 7.09 -4.37
C LEU A 231 14.14 7.80 -3.91
N ASP A 232 14.73 8.65 -4.76
CA ASP A 232 15.89 9.43 -4.35
C ASP A 232 15.61 10.21 -3.08
N ALA A 233 14.42 10.81 -2.99
CA ALA A 233 14.12 11.70 -1.88
C ALA A 233 13.91 10.90 -0.59
N VAL A 234 13.11 9.83 -0.64
CA VAL A 234 12.83 9.14 0.61
C VAL A 234 14.04 8.32 1.06
N CYS A 235 14.94 7.96 0.14
CA CYS A 235 16.18 7.30 0.53
C CYS A 235 17.21 8.26 1.11
N LYS A 236 16.89 9.54 1.23
CA LYS A 236 17.65 10.44 2.09
C LYS A 236 17.13 10.45 3.52
N VAL A 237 16.05 9.71 3.78
CA VAL A 237 15.42 9.63 5.10
C VAL A 237 15.57 8.24 5.69
N TYR A 238 15.13 7.25 4.99
CA TYR A 238 15.31 5.84 5.30
C TYR A 238 16.43 5.28 4.45
N PRO A 239 17.19 4.33 4.98
CA PRO A 239 18.12 3.59 4.11
C PRO A 239 17.33 2.80 3.08
N SER A 240 17.95 2.61 1.91
CA SER A 240 17.27 1.95 0.79
C SER A 240 16.69 0.58 1.19
N ARG A 241 17.36 -0.15 2.07
CA ARG A 241 16.82 -1.47 2.47
C ARG A 241 15.58 -1.37 3.37
N ARG A 242 15.06 -0.17 3.62
CA ARG A 242 13.81 -0.01 4.35
C ARG A 242 12.78 0.73 3.53
N VAL A 243 12.99 0.82 2.23
CA VAL A 243 12.07 1.46 1.30
C VAL A 243 11.65 0.42 0.28
N GLY A 244 10.35 0.12 0.22
CA GLY A 244 9.80 -0.73 -0.81
C GLY A 244 8.96 0.07 -1.80
N ILE A 245 8.53 -0.60 -2.85
CA ILE A 245 7.69 0.03 -3.87
C ILE A 245 6.71 -1.00 -4.43
N ARG A 246 5.49 -0.55 -4.66
CA ARG A 246 4.43 -1.43 -5.16
C ARG A 246 4.04 -1.03 -6.57
N LEU A 247 4.00 -2.01 -7.46
CA LEU A 247 3.60 -1.81 -8.85
C LEU A 247 2.45 -2.74 -9.21
N SER A 248 1.60 -2.27 -10.15
CA SER A 248 0.57 -3.12 -10.76
C SER A 248 0.85 -3.12 -12.26
N PRO A 249 1.61 -4.10 -12.75
CA PRO A 249 2.11 -4.06 -14.13
C PRO A 249 1.04 -4.17 -15.20
N ASP A 250 -0.16 -4.66 -14.87
CA ASP A 250 -1.14 -4.89 -15.93
C ASP A 250 -2.54 -4.86 -15.30
N THR A 251 -3.05 -3.64 -15.06
CA THR A 251 -4.40 -3.48 -14.54
C THR A 251 -5.17 -2.45 -15.35
N GLU A 252 -6.47 -2.68 -15.49
CA GLU A 252 -7.41 -1.72 -16.05
C GLU A 252 -8.06 -0.84 -14.99
N PHE A 253 -7.75 -1.08 -13.72
CA PHE A 253 -8.32 -0.31 -12.62
C PHE A 253 -8.14 1.19 -12.84
N MET A 254 -9.22 1.94 -12.61
N MET A 254 -9.22 1.94 -12.61
CA MET A 254 -9.20 3.40 -12.65
CA MET A 254 -9.21 3.40 -12.65
C MET A 254 -8.72 3.92 -14.00
C MET A 254 -8.72 3.92 -14.00
N SER A 255 -9.21 3.30 -15.09
CA SER A 255 -8.98 3.79 -16.46
C SER A 255 -7.51 3.89 -16.85
N MET A 256 -6.71 2.92 -16.44
CA MET A 256 -5.30 2.91 -16.81
C MET A 256 -5.09 2.16 -18.12
N SER A 257 -4.08 2.59 -18.87
CA SER A 257 -3.69 1.92 -20.10
C SER A 257 -2.31 2.40 -20.51
N ASP A 258 -1.55 1.51 -21.16
CA ASP A 258 -0.25 1.87 -21.70
C ASP A 258 -0.01 1.05 -22.95
N SER A 259 0.61 1.69 -23.95
CA SER A 259 0.77 1.06 -25.26
C SER A 259 1.74 -0.13 -25.25
N ASP A 260 2.64 -0.22 -24.27
CA ASP A 260 3.63 -1.31 -24.27
C ASP A 260 4.03 -1.59 -22.82
N ARG A 261 3.12 -2.23 -22.09
CA ARG A 261 3.38 -2.54 -20.69
C ARG A 261 4.57 -3.47 -20.48
N PRO A 262 4.80 -4.52 -21.30
CA PRO A 262 6.02 -5.31 -21.11
C PRO A 262 7.29 -4.48 -21.18
N ALA A 263 7.37 -3.57 -22.14
CA ALA A 263 8.56 -2.73 -22.24
C ALA A 263 8.65 -1.77 -21.06
N LEU A 264 7.53 -1.17 -20.66
CA LEU A 264 7.55 -0.20 -19.59
C LEU A 264 8.01 -0.84 -18.28
N TYR A 265 7.42 -1.97 -17.92
CA TYR A 265 7.69 -2.54 -16.60
C TYR A 265 8.97 -3.37 -16.60
N SER A 266 9.39 -3.96 -17.72
CA SER A 266 10.73 -4.52 -17.76
C SER A 266 11.78 -3.44 -17.47
N TYR A 267 11.69 -2.29 -18.14
CA TYR A 267 12.63 -1.20 -17.86
C TYR A 267 12.59 -0.82 -16.39
N LEU A 268 11.39 -0.61 -15.85
CA LEU A 268 11.27 -0.09 -14.50
C LEU A 268 11.80 -1.10 -13.49
N VAL A 269 11.43 -2.36 -13.65
CA VAL A 269 11.88 -3.37 -12.69
C VAL A 269 13.39 -3.55 -12.77
N GLN A 270 13.95 -3.50 -13.99
CA GLN A 270 15.41 -3.61 -14.12
C GLN A 270 16.11 -2.44 -13.44
N GLU A 271 15.58 -1.22 -13.58
CA GLU A 271 16.17 -0.08 -12.88
C GLU A 271 16.02 -0.23 -11.37
N LEU A 272 14.84 -0.67 -10.91
CA LEU A 272 14.59 -0.80 -9.48
C LEU A 272 15.51 -1.84 -8.86
N SER A 273 15.86 -2.88 -9.62
CA SER A 273 16.75 -3.93 -9.14
C SER A 273 18.11 -3.37 -8.74
N ARG A 274 18.62 -2.40 -9.50
CA ARG A 274 19.94 -1.86 -9.22
C ARG A 274 19.97 -0.99 -7.97
N ARG A 275 18.81 -0.52 -7.50
CA ARG A 275 18.73 0.41 -6.38
C ARG A 275 18.77 -0.28 -5.02
N GLU A 276 18.75 -1.61 -5.00
CA GLU A 276 18.88 -2.39 -3.77
C GLU A 276 17.93 -1.88 -2.69
N LEU A 277 16.65 -1.88 -3.03
CA LEU A 277 15.57 -1.49 -2.15
C LEU A 277 15.23 -2.61 -1.16
N ALA A 278 14.27 -2.31 -0.27
CA ALA A 278 13.81 -3.32 0.66
C ALA A 278 13.16 -4.49 -0.06
N TYR A 279 12.33 -4.20 -1.05
CA TYR A 279 11.63 -5.23 -1.83
C TYR A 279 10.94 -4.54 -2.99
N LEU A 280 10.50 -5.36 -3.93
CA LEU A 280 9.55 -4.95 -4.95
C LEU A 280 8.28 -5.73 -4.69
N HIS A 281 7.14 -5.04 -4.70
CA HIS A 281 5.85 -5.64 -4.37
C HIS A 281 4.99 -5.57 -5.62
N LEU A 282 4.67 -6.71 -6.22
CA LEU A 282 3.96 -6.78 -7.49
C LEU A 282 2.57 -7.36 -7.32
N ILE A 283 1.58 -6.70 -7.93
CA ILE A 283 0.21 -7.16 -7.90
C ILE A 283 -0.04 -8.00 -9.13
N GLU A 284 -0.58 -9.21 -8.94
CA GLU A 284 -0.89 -10.08 -10.06
C GLU A 284 -1.96 -9.45 -10.94
N PRO A 285 -1.89 -9.63 -12.26
CA PRO A 285 -2.94 -9.07 -13.13
C PRO A 285 -4.36 -9.57 -12.84
N ARG A 286 -4.54 -10.73 -12.20
CA ARG A 286 -5.94 -11.14 -11.98
C ARG A 286 -6.69 -10.27 -10.91
N ILE A 287 -6.18 -9.11 -10.48
CA ILE A 287 -6.85 -8.25 -9.51
C ILE A 287 -7.02 -6.87 -10.14
N LYS A 288 -8.25 -6.35 -10.11
CA LYS A 288 -8.56 -5.01 -10.60
C LYS A 288 -8.72 -4.08 -9.40
N GLY A 289 -7.59 -3.69 -8.82
CA GLY A 289 -7.58 -2.82 -7.65
C GLY A 289 -8.04 -3.49 -6.38
N ASN A 290 -9.35 -3.69 -6.24
CA ASN A 290 -9.91 -4.26 -5.03
C ASN A 290 -10.88 -5.41 -5.29
N VAL A 291 -10.96 -5.90 -6.53
CA VAL A 291 -11.86 -6.98 -6.90
C VAL A 291 -11.11 -7.98 -7.77
N ASP A 292 -11.65 -9.19 -7.84
CA ASP A 292 -11.14 -10.20 -8.75
C ASP A 292 -11.63 -9.92 -10.16
N VAL A 293 -10.84 -10.29 -11.16
CA VAL A 293 -11.26 -10.19 -12.55
C VAL A 293 -10.56 -11.27 -13.37
N GLU A 294 -11.27 -11.79 -14.36
CA GLU A 294 -10.70 -12.75 -15.30
C GLU A 294 -9.97 -12.01 -16.40
N LYS A 295 -8.78 -12.47 -16.75
CA LYS A 295 -7.88 -11.69 -17.59
C LYS A 295 -6.74 -12.59 -18.05
N GLU A 296 -6.34 -12.45 -19.32
CA GLU A 296 -5.17 -13.14 -19.85
C GLU A 296 -4.01 -12.15 -19.87
N SER A 297 -3.00 -12.41 -19.04
CA SER A 297 -1.82 -11.56 -19.01
C SER A 297 -0.60 -12.42 -18.74
N SER A 298 0.51 -12.06 -19.38
CA SER A 298 1.79 -12.66 -19.08
C SER A 298 2.59 -11.88 -18.04
N LEU A 299 2.11 -10.71 -17.64
CA LEU A 299 2.88 -9.84 -16.74
C LEU A 299 2.62 -10.17 -15.28
N ASN A 300 2.68 -11.45 -14.93
CA ASN A 300 2.60 -11.87 -13.54
C ASN A 300 4.00 -11.97 -12.94
N VAL A 301 4.10 -12.45 -11.71
CA VAL A 301 5.37 -12.40 -10.99
C VAL A 301 6.44 -13.25 -11.68
N GLU A 302 6.03 -14.32 -12.36
CA GLU A 302 6.99 -15.16 -13.07
C GLU A 302 7.72 -14.38 -14.16
N PHE A 303 7.02 -13.45 -14.80
CA PHE A 303 7.64 -12.61 -15.83
C PHE A 303 8.76 -11.76 -15.24
N PHE A 304 8.59 -11.31 -14.00
CA PHE A 304 9.48 -10.31 -13.42
C PHE A 304 10.53 -10.89 -12.48
N ARG A 305 10.32 -12.09 -11.96
CA ARG A 305 11.31 -12.70 -11.06
C ARG A 305 12.72 -12.69 -11.64
N PRO A 306 12.95 -13.05 -12.91
CA PRO A 306 14.34 -12.99 -13.43
C PRO A 306 14.87 -11.58 -13.60
N LEU A 307 14.00 -10.58 -13.66
CA LEU A 307 14.42 -9.21 -13.90
C LEU A 307 14.75 -8.45 -12.62
N TYR A 308 14.47 -9.03 -11.46
CA TYR A 308 14.65 -8.35 -10.19
C TYR A 308 15.45 -9.26 -9.26
N LYS A 309 16.57 -8.75 -8.74
CA LYS A 309 17.49 -9.60 -7.99
C LYS A 309 17.27 -9.54 -6.48
N GLY A 310 16.35 -8.71 -5.99
CA GLY A 310 16.12 -8.55 -4.58
C GLY A 310 14.93 -9.32 -4.04
N VAL A 311 14.36 -8.82 -2.95
CA VAL A 311 13.20 -9.44 -2.31
C VAL A 311 11.95 -9.11 -3.10
N LEU A 312 11.18 -10.13 -3.45
CA LEU A 312 10.03 -9.98 -4.33
C LEU A 312 8.77 -10.43 -3.59
N ILE A 313 7.83 -9.51 -3.42
CA ILE A 313 6.54 -9.82 -2.80
C ILE A 313 5.51 -9.95 -3.91
N THR A 314 4.78 -11.05 -3.90
CA THR A 314 3.68 -11.27 -4.84
C THR A 314 2.36 -11.18 -4.10
N ALA A 315 1.39 -10.52 -4.73
CA ALA A 315 0.12 -10.23 -4.11
C ALA A 315 -0.99 -10.38 -5.14
N GLY A 316 -2.15 -10.85 -4.67
CA GLY A 316 -3.37 -10.74 -5.46
C GLY A 316 -3.99 -12.08 -5.80
N GLY A 317 -5.10 -12.40 -5.15
CA GLY A 317 -5.87 -13.60 -5.45
C GLY A 317 -5.35 -14.89 -4.86
N TYR A 318 -4.36 -14.83 -3.97
CA TYR A 318 -3.75 -16.06 -3.49
C TYR A 318 -4.59 -16.74 -2.42
N GLN A 319 -4.46 -18.07 -2.37
CA GLN A 319 -4.93 -18.93 -1.31
C GLN A 319 -3.71 -19.54 -0.61
N LYS A 320 -3.97 -20.40 0.38
CA LYS A 320 -2.86 -21.11 1.01
C LYS A 320 -2.05 -21.88 -0.02
N GLU A 321 -2.75 -22.75 -0.77
CA GLU A 321 -2.12 -23.65 -1.77
C GLU A 321 -1.34 -22.89 -2.84
N THR A 322 -1.89 -21.83 -3.42
CA THR A 322 -1.23 -21.12 -4.51
C THR A 322 -0.12 -20.21 -3.99
N GLY A 323 -0.29 -19.65 -2.79
CA GLY A 323 0.80 -18.88 -2.20
C GLY A 323 2.01 -19.75 -1.88
N GLU A 324 1.74 -20.92 -1.29
CA GLU A 324 2.82 -21.85 -0.98
C GLU A 324 3.55 -22.27 -2.24
N GLU A 325 2.82 -22.49 -3.33
CA GLU A 325 3.46 -22.91 -4.58
C GLU A 325 4.38 -21.81 -5.13
N ARG A 326 3.99 -20.54 -4.99
CA ARG A 326 4.85 -19.46 -5.42
C ARG A 326 6.19 -19.47 -4.68
N LEU A 327 6.16 -19.80 -3.39
CA LEU A 327 7.39 -19.85 -2.59
C LEU A 327 8.20 -21.09 -2.90
N GLN A 328 7.53 -22.24 -3.03
CA GLN A 328 8.23 -23.50 -3.25
C GLN A 328 8.98 -23.47 -4.57
N LYS A 329 8.37 -22.91 -5.61
CA LYS A 329 8.97 -22.87 -6.93
C LYS A 329 9.77 -21.60 -7.16
N GLN A 330 10.03 -20.85 -6.09
CA GLN A 330 11.00 -19.75 -6.10
C GLN A 330 10.61 -18.65 -7.09
N HIS A 331 9.31 -18.46 -7.28
CA HIS A 331 8.82 -17.35 -8.08
C HIS A 331 8.72 -16.05 -7.30
N ALA A 332 8.66 -16.13 -5.97
CA ALA A 332 8.64 -14.95 -5.12
C ALA A 332 9.25 -15.33 -3.77
N ASP A 333 9.55 -14.31 -2.97
CA ASP A 333 10.11 -14.52 -1.64
C ASP A 333 9.08 -14.39 -0.53
N LEU A 334 8.06 -13.55 -0.74
CA LEU A 334 7.02 -13.29 0.24
C LEU A 334 5.68 -13.26 -0.48
N VAL A 335 4.61 -13.64 0.21
CA VAL A 335 3.26 -13.63 -0.38
C VAL A 335 2.39 -12.72 0.47
N ALA A 336 1.78 -11.72 -0.17
CA ALA A 336 0.89 -10.80 0.53
C ALA A 336 -0.56 -11.25 0.36
N TYR A 337 -1.31 -11.20 1.46
CA TYR A 337 -2.72 -11.53 1.49
C TYR A 337 -3.48 -10.31 1.98
N GLY A 338 -4.53 -9.93 1.25
CA GLY A 338 -5.34 -8.79 1.65
C GLY A 338 -6.65 -9.20 2.29
N ARG A 339 -7.63 -9.59 1.47
CA ARG A 339 -8.96 -9.89 1.98
C ARG A 339 -8.95 -11.01 3.03
N TRP A 340 -8.10 -12.03 2.83
CA TRP A 340 -8.07 -13.07 3.86
C TRP A 340 -7.57 -12.54 5.19
N VAL A 341 -6.68 -11.55 5.19
CA VAL A 341 -6.15 -11.01 6.45
C VAL A 341 -7.15 -10.05 7.09
N ILE A 342 -7.97 -9.36 6.27
CA ILE A 342 -9.10 -8.63 6.82
C ILE A 342 -9.90 -9.53 7.75
N ALA A 343 -10.21 -10.75 7.28
CA ALA A 343 -11.12 -11.65 7.99
C ALA A 343 -10.41 -12.59 8.97
N ASN A 344 -9.10 -12.73 8.89
CA ASN A 344 -8.38 -13.74 9.65
C ASN A 344 -7.12 -13.09 10.18
N PRO A 345 -7.20 -12.48 11.37
CA PRO A 345 -6.02 -11.78 11.91
C PRO A 345 -4.88 -12.73 12.21
N ASP A 346 -5.19 -13.99 12.47
CA ASP A 346 -4.22 -15.04 12.72
C ASP A 346 -4.12 -15.97 11.51
N LEU A 347 -4.17 -15.40 10.30
CA LEU A 347 -4.08 -16.22 9.09
C LEU A 347 -2.89 -17.17 9.10
N PRO A 348 -1.67 -16.78 9.49
CA PRO A 348 -0.58 -17.78 9.50
C PRO A 348 -0.87 -18.98 10.38
N SER A 349 -1.44 -18.75 11.58
CA SER A 349 -1.81 -19.87 12.45
C SER A 349 -2.87 -20.74 11.81
N ARG A 350 -3.86 -20.13 11.15
CA ARG A 350 -4.90 -20.93 10.51
C ARG A 350 -4.32 -21.79 9.40
N PHE A 351 -3.40 -21.25 8.60
CA PHE A 351 -2.75 -22.04 7.57
C PHE A 351 -2.01 -23.20 8.18
N GLU A 352 -1.29 -22.95 9.27
CA GLU A 352 -0.45 -23.98 9.86
C GLU A 352 -1.28 -25.11 10.45
N GLN A 353 -2.45 -24.78 11.02
CA GLN A 353 -3.34 -25.79 11.60
C GLN A 353 -4.27 -26.41 10.57
N ASN A 354 -4.24 -25.96 9.32
CA ASN A 354 -5.24 -26.34 8.33
C ASN A 354 -6.66 -26.10 8.86
N ALA A 355 -6.85 -24.93 9.53
CA ALA A 355 -8.12 -24.51 10.09
C ALA A 355 -8.98 -23.82 9.04
N PRO A 356 -10.30 -23.75 9.25
CA PRO A 356 -11.14 -22.99 8.32
C PRO A 356 -10.74 -21.53 8.34
N LEU A 357 -11.08 -20.83 7.27
CA LEU A 357 -10.86 -19.39 7.18
C LEU A 357 -12.18 -18.66 7.38
N ASN A 358 -12.17 -17.66 8.26
CA ASN A 358 -13.32 -16.77 8.36
C ASN A 358 -13.56 -16.12 7.01
N PRO A 359 -14.80 -16.02 6.55
CA PRO A 359 -15.07 -15.33 5.28
C PRO A 359 -14.95 -13.82 5.42
N TYR A 360 -14.40 -13.19 4.39
CA TYR A 360 -14.32 -11.73 4.39
C TYR A 360 -15.63 -11.12 3.92
N ASP A 361 -16.04 -10.04 4.58
CA ASP A 361 -17.31 -9.37 4.31
C ASP A 361 -17.04 -8.06 3.58
N ARG A 362 -17.22 -8.05 2.26
N ARG A 362 -17.23 -8.09 2.25
CA ARG A 362 -16.93 -6.83 1.50
CA ARG A 362 -16.99 -6.92 1.42
C ARG A 362 -17.80 -5.67 1.95
C ARG A 362 -17.82 -5.71 1.85
N ALA A 363 -18.98 -5.94 2.49
CA ALA A 363 -19.87 -4.86 2.89
C ALA A 363 -19.28 -3.97 3.99
N THR A 364 -18.31 -4.48 4.76
CA THR A 364 -17.68 -3.73 5.83
C THR A 364 -16.21 -3.45 5.56
N PHE A 365 -15.77 -3.59 4.31
CA PHE A 365 -14.40 -3.19 3.97
C PHE A 365 -14.17 -1.72 4.24
N TYR A 366 -15.12 -0.85 3.85
CA TYR A 366 -14.88 0.58 3.75
C TYR A 366 -15.78 1.33 4.72
N GLY A 367 -15.16 2.10 5.63
CA GLY A 367 -15.90 2.92 6.55
C GLY A 367 -16.51 2.09 7.66
N GLY A 368 -17.28 2.76 8.52
CA GLY A 368 -17.92 2.06 9.61
C GLY A 368 -17.10 2.01 10.88
N ASN A 369 -17.25 0.95 11.69
CA ASN A 369 -16.62 0.89 13.00
C ASN A 369 -15.97 -0.47 13.23
N GLU A 370 -16.04 -0.99 14.47
CA GLU A 370 -15.40 -2.26 14.79
C GLU A 370 -15.97 -3.42 13.98
N LYS A 371 -17.21 -3.30 13.52
CA LYS A 371 -17.87 -4.43 12.88
C LYS A 371 -17.22 -4.69 11.53
N GLY A 372 -16.80 -5.94 11.31
CA GLY A 372 -16.04 -6.27 10.11
C GLY A 372 -14.66 -5.67 10.08
N TYR A 373 -14.14 -5.28 11.25
CA TYR A 373 -12.83 -4.64 11.32
C TYR A 373 -12.00 -5.30 12.41
N THR A 374 -12.43 -5.19 13.67
CA THR A 374 -11.71 -5.84 14.76
C THR A 374 -12.48 -6.98 15.39
N ASP A 375 -13.65 -7.36 14.85
CA ASP A 375 -14.46 -8.38 15.49
C ASP A 375 -14.42 -9.72 14.75
N TYR A 376 -13.49 -9.91 13.83
CA TYR A 376 -13.28 -11.26 13.28
C TYR A 376 -12.52 -12.10 14.31
N PRO A 377 -12.91 -13.35 14.54
CA PRO A 377 -12.38 -14.10 15.67
C PRO A 377 -11.04 -14.79 15.39
N PHE A 378 -10.30 -15.01 16.47
CA PHE A 378 -9.06 -15.77 16.46
C PHE A 378 -9.34 -17.23 16.76
N LEU A 379 -8.41 -18.10 16.34
CA LEU A 379 -8.44 -19.49 16.83
C LEU A 379 -8.23 -19.53 18.34
N ASP A 380 -7.33 -18.72 18.84
CA ASP A 380 -6.92 -18.71 20.25
C ASP A 380 -7.37 -17.40 20.85
N PRO A 381 -8.33 -17.40 21.78
CA PRO A 381 -8.77 -16.14 22.38
C PRO A 381 -7.68 -15.39 23.13
N ARG A 382 -6.63 -16.08 23.58
CA ARG A 382 -5.53 -15.37 24.22
C ARG A 382 -4.83 -14.43 23.25
N ASP A 383 -4.86 -14.78 21.97
CA ASP A 383 -4.29 -13.92 20.93
C ASP A 383 -5.07 -12.61 20.86
N SER A 384 -6.39 -12.70 20.89
CA SER A 384 -7.21 -11.48 20.87
C SER A 384 -7.01 -10.68 22.15
N GLN A 385 -6.91 -11.36 23.30
CA GLN A 385 -6.69 -10.65 24.55
C GLN A 385 -5.36 -9.92 24.55
N GLU A 386 -4.31 -10.56 23.98
CA GLU A 386 -3.00 -9.93 23.96
C GLU A 386 -3.00 -8.70 23.06
N ALA A 387 -3.66 -8.79 21.89
CA ALA A 387 -3.75 -7.62 21.03
C ALA A 387 -4.46 -6.48 21.73
N LEU A 388 -5.53 -6.78 22.46
CA LEU A 388 -6.23 -5.73 23.18
C LEU A 388 -5.35 -5.14 24.27
N LYS A 389 -4.64 -6.00 25.02
CA LYS A 389 -3.75 -5.53 26.07
C LYS A 389 -2.70 -4.58 25.51
N GLU A 390 -2.09 -4.93 24.38
CA GLU A 390 -1.02 -4.10 23.85
C GLU A 390 -1.57 -2.82 23.22
N ALA A 391 -2.74 -2.90 22.56
CA ALA A 391 -3.36 -1.68 22.04
C ALA A 391 -3.71 -0.72 23.18
N GLU A 392 -4.24 -1.25 24.28
CA GLU A 392 -4.65 -0.39 25.39
C GLU A 392 -3.43 0.24 26.04
N ALA A 393 -2.34 -0.52 26.17
CA ALA A 393 -1.11 0.02 26.74
C ALA A 393 -0.54 1.10 25.83
N ALA A 394 -0.58 0.87 24.53
CA ALA A 394 -0.09 1.88 23.59
C ALA A 394 -0.93 3.14 23.65
N GLU A 395 -2.25 2.99 23.83
CA GLU A 395 -3.10 4.17 23.93
C GLU A 395 -2.77 4.97 25.18
N ARG A 396 -2.54 4.29 26.31
CA ARG A 396 -2.12 5.00 27.51
C ARG A 396 -0.75 5.64 27.31
N LYS A 397 0.17 4.91 26.68
CA LYS A 397 1.52 5.40 26.46
C LYS A 397 1.55 6.65 25.58
N TRP A 398 0.67 6.71 24.56
CA TRP A 398 0.72 7.76 23.54
C TRP A 398 -0.56 8.58 23.47
N ARG A 399 -1.33 8.58 24.57
CA ARG A 399 -2.61 9.33 24.63
C ARG A 399 -2.36 10.80 24.22
C1' HBA B . -16.85 6.35 5.41
C1' HBA B . -16.35 6.35 5.07
O1' HBA B . -17.44 5.98 6.37
O1' HBA B . -15.34 6.85 5.42
C1 HBA B . -16.93 5.55 4.10
C1 HBA B . -16.37 5.61 3.73
C2 HBA B . -15.87 5.55 3.22
C2 HBA B . -17.44 4.78 3.41
C3 HBA B . -15.95 4.84 2.04
C3 HBA B . -17.43 4.13 2.20
C4 HBA B . -17.10 4.12 1.74
C4 HBA B . -16.37 4.30 1.31
C5 HBA B . -18.16 4.12 2.62
C5 HBA B . -15.32 5.13 1.63
C6 HBA B . -18.08 4.84 3.80
C6 HBA B . -15.33 5.78 2.85
O4 HBA B . -17.17 3.40 0.54
O4 HBA B . -16.37 3.62 0.08
C1' HBA C . -9.66 1.98 -1.95
C1' HBA C . -9.89 1.07 -2.13
O1' HBA C . -9.91 2.99 -1.41
O1' HBA C . -10.80 0.84 -2.86
C1 HBA C . -8.28 1.67 -2.54
C1 HBA C . -8.46 1.01 -2.67
C2 HBA C . -8.15 0.67 -3.50
C2 HBA C . -7.50 1.90 -2.21
C3 HBA C . -6.91 0.38 -4.04
C3 HBA C . -6.21 1.84 -2.69
C4 HBA C . -5.80 1.09 -3.62
C4 HBA C . -5.87 0.88 -3.63
C5 HBA C . -5.91 2.10 -2.68
C5 HBA C . -6.83 -0.02 -4.10
C6 HBA C . -7.16 2.38 -2.13
C6 HBA C . -8.12 0.05 -3.61
O4 HBA C . -4.57 0.79 -4.17
O4 HBA C . -4.58 0.82 -4.11
C1' HBA D . -1.88 19.82 17.04
C1' HBA D . -2.05 19.83 17.13
O1' HBA D . -2.94 20.28 17.32
O1' HBA D . -1.43 20.31 16.24
C1 HBA D . -1.45 18.50 17.70
C1 HBA D . -1.58 18.52 17.75
C2 HBA D . -2.36 17.81 18.49
C2 HBA D . -2.45 17.79 18.56
C3 HBA D . -1.98 16.62 19.07
C3 HBA D . -2.03 16.60 19.12
C4 HBA D . -0.71 16.11 18.87
C4 HBA D . -0.75 16.14 18.87
C5 HBA D . 0.20 16.81 18.08
C5 HBA D . 0.12 16.86 18.07
C6 HBA D . -0.18 18.00 17.49
C6 HBA D . -0.30 18.06 17.52
O4 HBA D . -0.33 14.90 19.47
O4 HBA D . -0.33 14.93 19.45
N1 FMN E . -3.78 -1.80 -2.35
C2 FMN E . -2.91 -0.78 -2.07
O2 FMN E . -1.84 -0.75 -2.64
N3 FMN E . -3.24 0.20 -1.15
C4 FMN E . -4.44 0.16 -0.49
O4 FMN E . -4.69 1.05 0.36
C4A FMN E . -5.33 -0.87 -0.79
N5 FMN E . -6.57 -0.94 -0.17
C5A FMN E . -7.41 -2.00 -0.40
C6 FMN E . -8.62 -2.07 0.26
C7 FMN E . -9.47 -3.14 0.02
C7M FMN E . -10.75 -3.21 0.77
C8 FMN E . -9.11 -4.12 -0.89
C8M FMN E . -10.06 -5.26 -1.17
C9 FMN E . -7.90 -4.04 -1.56
C9A FMN E . -7.04 -2.99 -1.32
N10 FMN E . -5.83 -2.90 -1.98
C10 FMN E . -4.98 -1.86 -1.70
C1' FMN E . -5.39 -3.99 -2.92
C2' FMN E . -4.80 -5.09 -1.96
O2' FMN E . -3.58 -4.70 -1.31
C3' FMN E . -4.56 -6.44 -2.65
O3' FMN E . -3.62 -6.26 -3.66
C4' FMN E . -5.88 -7.01 -3.20
O4' FMN E . -6.85 -7.09 -2.16
C5' FMN E . -5.70 -8.40 -3.81
O5' FMN E . -5.19 -9.32 -2.85
P FMN E . -6.10 -10.39 -2.08
O1P FMN E . -7.22 -9.64 -1.38
O2P FMN E . -5.15 -11.10 -1.15
O3P FMN E . -6.70 -11.38 -3.06
#